data_5A44
#
_entry.id   5A44
#
_cell.length_a   61.127
_cell.length_b   61.127
_cell.length_c   110.313
_cell.angle_alpha   90.00
_cell.angle_beta   90.00
_cell.angle_gamma   120.00
#
_symmetry.space_group_name_H-M   'P 63'
#
loop_
_entity.id
_entity.type
_entity.pdbx_description
1 polymer BACTERIORHODOPSIN
2 non-polymer RETINAL
3 non-polymer 1-[2,6,10.14-TETRAMETHYL-HEXADECAN-16-YL]-2-[2,10,14-TRIMETHYLHEXADECAN-16-YL]GLYCEROL
4 non-polymer HEPTANE
5 water water
#
_entity_poly.entity_id   1
_entity_poly.type   'polypeptide(L)'
_entity_poly.pdbx_seq_one_letter_code
;QAQITGRPEWIWLALGTALMGLGTLYFLVKGMGVSDPDAKKFYAITTLVPAIAFTMYLSMLLGYGLTMVPFGGEQNPIYW
ARYADWLFTTPLLLLDLALLVDADQGTILALVGADGIMIGTGLVGALTKVYSYRFVWWAISTAAMLYILYVLFFGFTSKA
ESMRPEVASTFKVLRNVTVVLWSAYPVVWLIGSEGAGIVPLNIETLLFMVLDVSAKVGFGLILLRSRAIFGEAEAPEPSA
GDGAAATS
;
_entity_poly.pdbx_strand_id   A
#
# COMPACT_ATOMS: atom_id res chain seq x y z
N GLY A 6 -3.42 2.19 -24.76
CA GLY A 6 -2.05 2.65 -25.11
C GLY A 6 -0.97 1.76 -24.52
N ARG A 7 -0.95 1.72 -23.20
CA ARG A 7 -0.02 0.90 -22.42
C ARG A 7 -0.80 -0.35 -21.99
N PRO A 8 -0.27 -1.58 -22.24
CA PRO A 8 -1.09 -2.79 -22.00
C PRO A 8 -1.66 -2.93 -20.58
N GLU A 9 -0.92 -2.41 -19.61
CA GLU A 9 -1.34 -2.40 -18.22
C GLU A 9 -2.45 -1.37 -17.88
N TRP A 10 -2.95 -0.60 -18.84
CA TRP A 10 -3.99 0.40 -18.57
C TRP A 10 -5.28 -0.18 -17.95
N ILE A 11 -5.64 -1.38 -18.39
CA ILE A 11 -6.89 -2.02 -17.96
C ILE A 11 -6.90 -2.33 -16.46
N TRP A 12 -5.75 -2.74 -15.94
CA TRP A 12 -5.56 -2.95 -14.50
C TRP A 12 -5.57 -1.62 -13.72
N LEU A 13 -4.95 -0.57 -14.27
CA LEU A 13 -5.01 0.77 -13.66
C LEU A 13 -6.45 1.34 -13.66
N ALA A 14 -7.15 1.22 -14.79
CA ALA A 14 -8.56 1.70 -14.86
C ALA A 14 -9.41 0.94 -13.82
N LEU A 15 -9.11 -0.32 -13.67
CA LEU A 15 -9.87 -1.20 -12.78
C LEU A 15 -9.63 -0.94 -11.31
N GLY A 16 -8.37 -0.80 -10.93
CA GLY A 16 -8.01 -0.36 -9.58
C GLY A 16 -8.59 1.00 -9.25
N THR A 17 -8.52 1.93 -10.22
CA THR A 17 -9.17 3.23 -10.04
C THR A 17 -10.67 3.04 -9.70
N ALA A 18 -11.36 2.21 -10.47
CA ALA A 18 -12.80 2.02 -10.27
C ALA A 18 -13.07 1.39 -8.92
N LEU A 19 -12.29 0.38 -8.56
CA LEU A 19 -12.54 -0.34 -7.29
C LEU A 19 -12.18 0.49 -6.04
N MET A 20 -11.10 1.27 -6.10
CA MET A 20 -10.78 2.19 -5.01
C MET A 20 -11.81 3.31 -4.97
N GLY A 21 -12.23 3.77 -6.14
CA GLY A 21 -13.30 4.78 -6.24
C GLY A 21 -14.57 4.30 -5.56
N LEU A 22 -15.03 3.13 -6.01
CA LEU A 22 -16.24 2.47 -5.45
C LEU A 22 -16.13 2.22 -3.95
N GLY A 23 -15.01 1.64 -3.54
CA GLY A 23 -14.74 1.31 -2.13
C GLY A 23 -14.75 2.52 -1.21
N THR A 24 -14.15 3.61 -1.65
CA THR A 24 -14.26 4.89 -0.95
C THR A 24 -15.74 5.28 -0.73
N LEU A 25 -16.53 5.30 -1.80
CA LEU A 25 -17.93 5.73 -1.68
C LEU A 25 -18.70 4.82 -0.75
N TYR A 26 -18.54 3.51 -0.91
CA TYR A 26 -19.17 2.57 0.00
C TYR A 26 -18.87 2.95 1.47
N PHE A 27 -17.59 3.07 1.82
CA PHE A 27 -17.20 3.39 3.21
C PHE A 27 -17.73 4.75 3.70
N LEU A 28 -17.67 5.76 2.84
CA LEU A 28 -18.32 7.04 3.13
C LEU A 28 -19.77 6.86 3.51
N VAL A 29 -20.54 6.20 2.65
CA VAL A 29 -21.97 6.03 2.89
C VAL A 29 -22.21 5.24 4.17
N LYS A 30 -21.44 4.18 4.40
CA LYS A 30 -21.60 3.39 5.63
C LYS A 30 -21.26 4.16 6.92
N GLY A 31 -20.30 5.08 6.83
CA GLY A 31 -19.88 5.83 8.01
C GLY A 31 -20.84 6.94 8.42
N MET A 32 -21.80 7.27 7.57
CA MET A 32 -22.90 8.12 7.97
C MET A 32 -23.72 7.39 9.03
N GLY A 33 -24.13 8.12 10.06
CA GLY A 33 -24.82 7.54 11.21
C GLY A 33 -23.85 6.98 12.24
N VAL A 34 -22.76 7.70 12.48
CA VAL A 34 -21.70 7.29 13.40
C VAL A 34 -21.46 8.41 14.41
N SER A 35 -21.93 8.19 15.63
CA SER A 35 -21.76 9.14 16.75
C SER A 35 -20.57 8.77 17.62
N ASP A 36 -20.15 7.52 17.53
CA ASP A 36 -19.12 6.95 18.36
C ASP A 36 -17.74 7.56 18.07
N PRO A 37 -17.10 8.17 19.09
CA PRO A 37 -15.73 8.66 18.93
C PRO A 37 -14.76 7.64 18.29
N ASP A 38 -14.75 6.44 18.85
CA ASP A 38 -13.89 5.35 18.38
C ASP A 38 -14.16 4.94 16.94
N ALA A 39 -15.42 4.66 16.62
CA ALA A 39 -15.80 4.21 15.27
C ALA A 39 -15.55 5.33 14.27
N LYS A 40 -15.80 6.57 14.70
CA LYS A 40 -15.46 7.77 13.93
C LYS A 40 -14.02 7.68 13.46
N LYS A 41 -13.12 7.42 14.41
CA LYS A 41 -11.71 7.24 14.12
C LYS A 41 -11.42 6.12 13.13
N PHE A 42 -11.98 4.93 13.34
CA PHE A 42 -11.69 3.83 12.39
C PHE A 42 -12.22 4.15 10.99
N TYR A 43 -13.39 4.80 10.92
CA TYR A 43 -14.03 5.15 9.64
C TYR A 43 -13.26 6.18 8.81
N ALA A 44 -12.74 7.22 9.47
CA ALA A 44 -11.98 8.29 8.80
C ALA A 44 -10.68 7.71 8.23
N ILE A 45 -10.02 6.93 9.05
CA ILE A 45 -8.83 6.19 8.64
C ILE A 45 -9.09 5.28 7.45
N THR A 46 -10.10 4.43 7.55
CA THR A 46 -10.36 3.39 6.55
C THR A 46 -10.93 3.93 5.23
N THR A 47 -11.62 5.05 5.30
CA THR A 47 -12.14 5.71 4.10
C THR A 47 -11.05 6.51 3.45
N LEU A 48 -10.17 7.14 4.25
CA LEU A 48 -9.04 7.88 3.66
C LEU A 48 -8.13 7.01 2.82
N VAL A 49 -7.97 5.74 3.21
CA VAL A 49 -7.03 4.84 2.55
C VAL A 49 -7.36 4.57 1.06
N PRO A 50 -8.61 4.20 0.74
CA PRO A 50 -8.96 4.04 -0.68
C PRO A 50 -9.13 5.41 -1.38
N ALA A 51 -9.53 6.44 -0.66
CA ALA A 51 -9.63 7.75 -1.28
C ALA A 51 -8.28 8.20 -1.83
N ILE A 52 -7.22 8.03 -1.04
CA ILE A 52 -5.86 8.27 -1.54
C ILE A 52 -5.51 7.28 -2.65
N ALA A 53 -5.82 6.00 -2.47
CA ALA A 53 -5.47 5.02 -3.51
C ALA A 53 -6.12 5.37 -4.84
N PHE A 54 -7.38 5.79 -4.77
CA PHE A 54 -8.11 6.24 -5.93
C PHE A 54 -7.33 7.31 -6.69
N THR A 55 -6.86 8.35 -5.97
CA THR A 55 -6.19 9.46 -6.66
C THR A 55 -4.90 8.97 -7.37
N MET A 56 -4.20 8.02 -6.74
CA MET A 56 -2.91 7.54 -7.27
C MET A 56 -3.08 6.46 -8.33
N TYR A 57 -4.15 5.66 -8.24
CA TYR A 57 -4.54 4.81 -9.39
C TYR A 57 -4.87 5.69 -10.59
N LEU A 58 -5.56 6.80 -10.36
CA LEU A 58 -5.95 7.70 -11.45
C LEU A 58 -4.74 8.42 -12.04
N SER A 59 -3.84 8.90 -11.18
CA SER A 59 -2.64 9.56 -11.71
C SER A 59 -1.83 8.60 -12.53
N MET A 60 -1.72 7.34 -12.10
CA MET A 60 -1.10 6.31 -12.93
C MET A 60 -1.84 6.01 -14.23
N LEU A 61 -3.17 5.89 -14.16
CA LEU A 61 -4.00 5.65 -15.36
C LEU A 61 -3.73 6.70 -16.43
N LEU A 62 -3.80 7.96 -16.02
CA LEU A 62 -3.40 9.07 -16.88
C LEU A 62 -1.89 9.08 -16.80
N GLY A 63 -1.21 9.69 -17.75
CA GLY A 63 0.27 9.54 -17.72
C GLY A 63 1.06 10.09 -16.51
N TYR A 64 0.38 10.67 -15.53
CA TYR A 64 1.06 11.51 -14.53
C TYR A 64 2.05 10.83 -13.56
N GLY A 65 1.64 9.75 -12.91
CA GLY A 65 2.50 9.07 -11.95
C GLY A 65 3.43 8.03 -12.55
N LEU A 66 3.87 8.29 -13.79
CA LEU A 66 4.77 7.42 -14.51
C LEU A 66 5.97 8.25 -14.93
N THR A 67 7.18 7.75 -14.69
CA THR A 67 8.43 8.35 -15.21
C THR A 67 9.30 7.27 -15.83
N MET A 68 10.28 7.69 -16.64
CA MET A 68 11.32 6.80 -17.20
C MET A 68 12.67 6.91 -16.44
N VAL A 69 13.13 5.81 -15.86
CA VAL A 69 14.39 5.78 -15.11
C VAL A 69 15.45 4.97 -15.90
N PRO A 70 16.61 5.58 -16.21
CA PRO A 70 17.70 4.87 -16.88
C PRO A 70 18.49 3.93 -15.97
N PHE A 71 18.48 2.64 -16.32
CA PHE A 71 19.36 1.64 -15.70
C PHE A 71 19.41 0.38 -16.57
N GLY A 72 20.52 -0.35 -16.44
CA GLY A 72 20.76 -1.55 -17.22
C GLY A 72 20.78 -1.36 -18.72
N GLY A 73 21.14 -0.15 -19.16
CA GLY A 73 21.22 0.19 -20.59
C GLY A 73 19.89 0.50 -21.25
N GLU A 74 18.82 0.56 -20.45
CA GLU A 74 17.49 0.90 -20.95
C GLU A 74 16.86 2.00 -20.11
N GLN A 75 16.00 2.79 -20.74
CA GLN A 75 15.04 3.64 -20.03
C GLN A 75 13.86 2.75 -19.62
N ASN A 76 13.63 2.64 -18.32
CA ASN A 76 12.59 1.76 -17.75
C ASN A 76 11.39 2.55 -17.18
N PRO A 77 10.14 2.14 -17.52
CA PRO A 77 8.93 2.84 -17.03
C PRO A 77 8.67 2.51 -15.56
N ILE A 78 8.76 3.52 -14.70
CA ILE A 78 8.60 3.35 -13.27
C ILE A 78 7.37 4.15 -12.82
N TYR A 79 6.45 3.47 -12.16
CA TYR A 79 5.27 4.11 -11.60
C TYR A 79 5.57 4.67 -10.22
N TRP A 80 6.11 5.88 -10.18
CA TRP A 80 6.40 6.54 -8.89
C TRP A 80 5.17 6.81 -8.00
N ALA A 81 3.97 6.93 -8.61
CA ALA A 81 2.79 7.32 -7.84
C ALA A 81 2.39 6.32 -6.76
N ARG A 82 2.82 5.05 -6.89
CA ARG A 82 2.57 4.02 -5.83
C ARG A 82 3.17 4.38 -4.49
N TYR A 83 4.34 5.00 -4.52
CA TYR A 83 5.07 5.34 -3.27
C TYR A 83 4.38 6.51 -2.60
N ALA A 84 3.86 7.45 -3.41
CA ALA A 84 3.07 8.59 -2.92
C ALA A 84 1.76 8.18 -2.25
N ASP A 85 1.20 7.07 -2.74
CA ASP A 85 0.06 6.38 -2.15
C ASP A 85 0.50 5.70 -0.86
N TRP A 86 1.44 4.77 -1.00
CA TRP A 86 1.89 3.95 0.13
C TRP A 86 2.42 4.80 1.32
N LEU A 87 3.11 5.91 1.00
CA LEU A 87 3.59 6.87 2.01
C LEU A 87 2.57 7.27 3.09
N PHE A 88 1.31 7.42 2.68
CA PHE A 88 0.23 7.73 3.61
C PHE A 88 -0.69 6.57 3.91
N THR A 89 -0.95 5.70 2.94
CA THR A 89 -1.91 4.61 3.13
C THR A 89 -1.38 3.53 4.06
N THR A 90 -0.07 3.28 4.04
CA THR A 90 0.44 2.21 4.89
C THR A 90 0.48 2.62 6.39
N PRO A 91 0.86 3.88 6.72
CA PRO A 91 0.78 4.24 8.15
C PRO A 91 -0.65 4.28 8.71
N LEU A 92 -1.61 4.72 7.89
CA LEU A 92 -3.04 4.70 8.26
C LEU A 92 -3.58 3.29 8.55
N LEU A 93 -3.13 2.29 7.77
CA LEU A 93 -3.51 0.89 8.01
C LEU A 93 -2.91 0.33 9.30
N LEU A 94 -1.63 0.61 9.53
CA LEU A 94 -0.99 0.29 10.83
C LEU A 94 -1.64 1.00 12.00
N LEU A 95 -2.05 2.23 11.75
CA LEU A 95 -2.79 3.01 12.74
C LEU A 95 -4.17 2.41 13.04
N ASP A 96 -4.86 1.90 12.01
CA ASP A 96 -6.08 1.09 12.21
C ASP A 96 -5.81 -0.08 13.17
N LEU A 97 -4.78 -0.86 12.88
CA LEU A 97 -4.38 -1.98 13.75
C LEU A 97 -3.97 -1.54 15.17
N ALA A 98 -3.16 -0.49 15.22
CA ALA A 98 -2.62 0.04 16.50
C ALA A 98 -3.70 0.57 17.44
N LEU A 99 -4.61 1.38 16.92
CA LEU A 99 -5.78 1.86 17.67
C LEU A 99 -6.68 0.70 18.10
N LEU A 100 -6.86 -0.26 17.19
CA LEU A 100 -7.59 -1.48 17.51
C LEU A 100 -7.17 -2.10 18.84
N VAL A 101 -5.86 -2.33 19.02
CA VAL A 101 -5.31 -2.95 20.23
C VAL A 101 -4.75 -1.96 21.24
N ASP A 102 -4.95 -0.66 20.98
CA ASP A 102 -4.71 0.36 21.97
C ASP A 102 -3.21 0.51 22.25
N ALA A 103 -2.42 0.46 21.18
CA ALA A 103 -0.97 0.49 21.26
C ALA A 103 -0.52 1.77 21.95
N ASP A 104 0.65 1.71 22.57
CA ASP A 104 1.29 2.89 23.15
C ASP A 104 1.70 3.89 22.09
N GLN A 105 1.76 5.15 22.47
CA GLN A 105 2.30 6.17 21.57
C GLN A 105 3.68 5.76 21.09
N GLY A 106 4.55 5.39 22.04
CA GLY A 106 5.86 4.84 21.73
C GLY A 106 5.85 3.83 20.61
N THR A 107 4.95 2.84 20.67
CA THR A 107 4.86 1.81 19.61
C THR A 107 4.27 2.36 18.29
N ILE A 108 3.29 3.25 18.33
CA ILE A 108 2.78 3.83 17.06
C ILE A 108 3.91 4.54 16.30
N LEU A 109 4.72 5.29 17.03
CA LEU A 109 5.79 6.08 16.42
C LEU A 109 6.87 5.16 15.79
N ALA A 110 7.19 4.06 16.46
CA ALA A 110 8.02 2.99 15.88
C ALA A 110 7.45 2.37 14.59
N LEU A 111 6.19 1.95 14.66
CA LEU A 111 5.50 1.45 13.48
C LEU A 111 5.48 2.48 12.35
N VAL A 112 4.94 3.67 12.65
CA VAL A 112 4.73 4.73 11.65
C VAL A 112 6.07 5.18 11.02
N GLY A 113 7.07 5.38 11.87
CA GLY A 113 8.43 5.74 11.43
C GLY A 113 9.20 4.66 10.68
N ALA A 114 9.12 3.41 11.11
CA ALA A 114 9.61 2.27 10.31
C ALA A 114 8.89 2.17 8.95
N ASP A 115 7.62 2.58 8.94
CA ASP A 115 6.81 2.52 7.74
C ASP A 115 7.27 3.57 6.73
N GLY A 116 7.46 4.81 7.17
CA GLY A 116 8.07 5.83 6.31
C GLY A 116 9.46 5.50 5.77
N ILE A 117 10.31 4.92 6.61
CA ILE A 117 11.59 4.43 6.11
C ILE A 117 11.38 3.33 5.06
N MET A 118 10.58 2.32 5.37
CA MET A 118 10.19 1.28 4.38
C MET A 118 9.82 1.85 2.99
N ILE A 119 8.81 2.70 2.90
CA ILE A 119 8.42 3.18 1.56
C ILE A 119 9.35 4.30 1.08
N GLY A 120 9.92 5.10 1.99
CA GLY A 120 10.97 6.07 1.64
C GLY A 120 12.09 5.38 0.86
N THR A 121 12.70 4.35 1.46
CA THR A 121 13.79 3.62 0.79
C THR A 121 13.36 2.87 -0.47
N GLY A 122 12.10 2.43 -0.51
CA GLY A 122 11.55 1.81 -1.73
C GLY A 122 11.52 2.78 -2.89
N LEU A 123 11.07 4.03 -2.65
CA LEU A 123 11.10 5.09 -3.66
C LEU A 123 12.52 5.29 -4.21
N VAL A 124 13.50 5.47 -3.32
CA VAL A 124 14.91 5.62 -3.74
C VAL A 124 15.35 4.42 -4.58
N GLY A 125 15.00 3.22 -4.14
CA GLY A 125 15.28 2.00 -4.91
C GLY A 125 14.78 2.16 -6.32
N ALA A 126 13.50 2.54 -6.40
CA ALA A 126 12.76 2.68 -7.68
C ALA A 126 13.41 3.63 -8.68
N LEU A 127 13.94 4.74 -8.18
CA LEU A 127 14.51 5.79 -9.04
C LEU A 127 16.01 5.70 -9.21
N THR A 128 16.65 4.77 -8.51
CA THR A 128 18.11 4.67 -8.54
C THR A 128 18.62 4.16 -9.89
N LYS A 129 19.59 4.87 -10.43
CA LYS A 129 20.07 4.70 -11.80
C LYS A 129 21.21 3.67 -11.93
N VAL A 130 21.77 3.24 -10.81
CA VAL A 130 22.73 2.13 -10.76
C VAL A 130 22.02 0.85 -10.32
N TYR A 131 21.90 -0.10 -11.26
CA TYR A 131 21.06 -1.28 -11.12
C TYR A 131 21.29 -2.00 -9.80
N SER A 132 22.56 -2.27 -9.54
CA SER A 132 23.01 -2.97 -8.33
C SER A 132 22.51 -2.34 -7.03
N TYR A 133 22.56 -1.01 -6.96
CA TYR A 133 22.13 -0.26 -5.78
C TYR A 133 20.64 -0.27 -5.51
N ARG A 134 19.84 -0.47 -6.55
CA ARG A 134 18.39 -0.67 -6.39
C ARG A 134 18.14 -1.76 -5.35
N PHE A 135 18.92 -2.84 -5.44
CA PHE A 135 18.77 -4.00 -4.56
C PHE A 135 19.26 -3.80 -3.10
N VAL A 136 20.17 -2.85 -2.92
CA VAL A 136 20.59 -2.39 -1.59
C VAL A 136 19.40 -1.69 -0.94
N TRP A 137 18.80 -0.74 -1.66
CA TRP A 137 17.60 -0.05 -1.19
C TRP A 137 16.43 -0.99 -0.95
N TRP A 138 16.17 -1.93 -1.86
CA TRP A 138 15.21 -3.04 -1.61
C TRP A 138 15.48 -3.75 -0.26
N ALA A 139 16.73 -4.16 -0.03
CA ALA A 139 17.10 -4.93 1.18
C ALA A 139 16.79 -4.14 2.47
N ILE A 140 17.17 -2.86 2.48
CA ILE A 140 16.89 -1.96 3.62
C ILE A 140 15.40 -1.77 3.90
N SER A 141 14.62 -1.54 2.85
CA SER A 141 13.16 -1.41 2.98
C SER A 141 12.53 -2.70 3.49
N THR A 142 13.02 -3.83 2.96
CA THR A 142 12.56 -5.15 3.38
C THR A 142 12.85 -5.36 4.86
N ALA A 143 14.04 -4.95 5.31
CA ALA A 143 14.37 -5.06 6.75
C ALA A 143 13.49 -4.15 7.62
N ALA A 144 13.07 -3.00 7.10
CA ALA A 144 12.15 -2.14 7.85
C ALA A 144 10.77 -2.82 7.88
N MET A 145 10.40 -3.47 6.79
CA MET A 145 9.14 -4.24 6.79
C MET A 145 9.12 -5.36 7.85
N LEU A 146 10.21 -6.12 7.94
CA LEU A 146 10.29 -7.22 8.91
C LEU A 146 10.23 -6.74 10.35
N TYR A 147 10.82 -5.57 10.63
CA TYR A 147 10.64 -4.87 11.92
C TYR A 147 9.18 -4.65 12.25
N ILE A 148 8.44 -4.12 11.28
CA ILE A 148 6.99 -3.86 11.44
C ILE A 148 6.21 -5.14 11.72
N LEU A 149 6.44 -6.17 10.91
CA LEU A 149 5.82 -7.48 11.13
C LEU A 149 6.20 -8.01 12.51
N TYR A 150 7.47 -7.86 12.86
CA TYR A 150 7.94 -8.27 14.18
C TYR A 150 7.11 -7.55 15.26
N VAL A 151 7.02 -6.23 15.19
CA VAL A 151 6.20 -5.49 16.15
C VAL A 151 4.73 -5.92 16.09
N LEU A 152 4.19 -6.12 14.89
CA LEU A 152 2.82 -6.65 14.72
C LEU A 152 2.76 -8.12 15.12
N VAL A 167 -12.44 -7.96 19.77
CA VAL A 167 -11.27 -7.11 19.57
C VAL A 167 -10.04 -7.94 19.25
N ALA A 168 -9.76 -8.92 20.11
CA ALA A 168 -8.66 -9.85 19.92
C ALA A 168 -8.79 -10.54 18.57
N SER A 169 -10.02 -10.95 18.27
CA SER A 169 -10.36 -11.73 17.10
C SER A 169 -10.18 -10.98 15.78
N THR A 170 -10.76 -9.78 15.70
CA THR A 170 -10.64 -8.98 14.47
C THR A 170 -9.22 -8.42 14.33
N PHE A 171 -8.56 -8.06 15.44
CA PHE A 171 -7.13 -7.71 15.36
C PHE A 171 -6.37 -8.89 14.77
N LYS A 172 -6.52 -10.06 15.40
CA LYS A 172 -5.83 -11.28 14.96
C LYS A 172 -6.02 -11.56 13.46
N VAL A 173 -7.27 -11.48 13.01
CA VAL A 173 -7.60 -11.67 11.57
C VAL A 173 -6.94 -10.60 10.70
N LEU A 174 -7.03 -9.35 11.17
CA LEU A 174 -6.54 -8.22 10.41
C LEU A 174 -5.03 -8.24 10.29
N ARG A 175 -4.38 -8.57 11.41
CA ARG A 175 -2.93 -8.79 11.41
C ARG A 175 -2.50 -9.89 10.45
N ASN A 176 -3.24 -10.99 10.42
CA ASN A 176 -2.90 -12.10 9.53
C ASN A 176 -2.98 -11.70 8.06
N VAL A 177 -4.08 -11.07 7.68
CA VAL A 177 -4.22 -10.49 6.33
C VAL A 177 -3.08 -9.57 5.98
N THR A 178 -2.71 -8.72 6.93
CA THR A 178 -1.63 -7.76 6.76
C THR A 178 -0.29 -8.43 6.48
N VAL A 179 0.06 -9.38 7.37
CA VAL A 179 1.31 -10.12 7.30
C VAL A 179 1.41 -10.77 5.93
N VAL A 180 0.30 -11.38 5.51
CA VAL A 180 0.24 -12.12 4.26
C VAL A 180 0.33 -11.22 3.03
N LEU A 181 -0.59 -10.29 2.87
CA LEU A 181 -0.53 -9.45 1.66
C LEU A 181 0.71 -8.51 1.58
N TRP A 182 1.13 -7.93 2.70
CA TRP A 182 2.27 -6.97 2.67
C TRP A 182 3.55 -7.64 2.18
N SER A 183 3.74 -8.89 2.62
CA SER A 183 4.93 -9.68 2.31
C SER A 183 5.13 -9.96 0.83
N ALA A 184 4.05 -9.98 0.04
CA ALA A 184 4.15 -10.18 -1.42
C ALA A 184 4.75 -9.01 -2.19
N TYR A 185 4.56 -7.80 -1.67
CA TYR A 185 4.99 -6.55 -2.31
C TYR A 185 6.47 -6.49 -2.68
N PRO A 186 7.37 -6.67 -1.70
CA PRO A 186 8.77 -6.79 -2.05
C PRO A 186 9.05 -7.94 -3.02
N VAL A 187 8.30 -9.03 -2.93
CA VAL A 187 8.49 -10.15 -3.88
C VAL A 187 8.15 -9.71 -5.30
N VAL A 188 7.04 -8.99 -5.45
CA VAL A 188 6.56 -8.47 -6.76
C VAL A 188 7.53 -7.43 -7.37
N TRP A 189 8.04 -6.55 -6.52
CA TRP A 189 8.98 -5.48 -6.89
C TRP A 189 10.31 -6.06 -7.34
N LEU A 190 10.79 -7.04 -6.57
CA LEU A 190 12.00 -7.77 -6.85
C LEU A 190 12.03 -8.48 -8.20
N ILE A 191 10.92 -9.15 -8.56
CA ILE A 191 10.82 -9.89 -9.85
C ILE A 191 10.22 -9.05 -10.98
N GLY A 192 9.58 -7.94 -10.61
CA GLY A 192 8.94 -7.05 -11.58
C GLY A 192 9.91 -6.15 -12.32
N SER A 193 9.38 -5.09 -12.93
CA SER A 193 10.20 -4.11 -13.67
C SER A 193 11.04 -3.16 -12.80
N GLU A 194 10.72 -3.07 -11.52
CA GLU A 194 11.53 -2.24 -10.59
C GLU A 194 12.88 -2.93 -10.32
N GLY A 195 12.86 -4.27 -10.36
CA GLY A 195 13.98 -5.10 -9.96
C GLY A 195 14.51 -5.89 -11.13
N ALA A 196 14.26 -7.18 -11.12
CA ALA A 196 14.91 -8.09 -12.05
C ALA A 196 14.33 -8.17 -13.45
N GLY A 197 13.14 -7.60 -13.69
CA GLY A 197 12.53 -7.60 -15.03
C GLY A 197 12.14 -8.97 -15.58
N ILE A 198 11.82 -9.91 -14.69
CA ILE A 198 11.45 -11.28 -15.07
C ILE A 198 9.96 -11.46 -15.28
N VAL A 199 9.16 -10.66 -14.57
CA VAL A 199 7.74 -10.56 -14.77
C VAL A 199 7.40 -9.19 -15.41
N PRO A 200 6.70 -9.19 -16.57
CA PRO A 200 6.46 -7.90 -17.24
C PRO A 200 5.52 -6.93 -16.47
N LEU A 201 5.69 -5.62 -16.71
CA LEU A 201 4.93 -4.55 -16.05
C LEU A 201 3.41 -4.82 -15.99
N ASN A 202 2.92 -5.31 -17.12
CA ASN A 202 1.57 -5.83 -17.29
C ASN A 202 1.02 -6.63 -16.13
N ILE A 203 1.65 -7.78 -15.87
CA ILE A 203 1.18 -8.71 -14.86
C ILE A 203 1.57 -8.21 -13.52
N GLU A 204 2.70 -7.53 -13.49
CA GLU A 204 3.15 -6.74 -12.34
C GLU A 204 1.99 -5.76 -11.83
N THR A 205 1.40 -5.05 -12.78
CA THR A 205 0.43 -4.02 -12.45
C THR A 205 -0.84 -4.71 -11.96
N LEU A 206 -1.20 -5.83 -12.59
CA LEU A 206 -2.31 -6.70 -12.13
C LEU A 206 -2.08 -7.19 -10.71
N LEU A 207 -0.88 -7.69 -10.45
CA LEU A 207 -0.53 -8.23 -9.13
C LEU A 207 -0.69 -7.19 -8.02
N PHE A 208 -0.02 -6.05 -8.19
CA PHE A 208 -0.20 -4.90 -7.27
C PHE A 208 -1.66 -4.45 -7.16
N MET A 209 -2.36 -4.38 -8.30
CA MET A 209 -3.81 -4.11 -8.26
C MET A 209 -4.57 -5.02 -7.32
N VAL A 210 -4.41 -6.34 -7.46
CA VAL A 210 -5.15 -7.27 -6.59
C VAL A 210 -4.72 -7.12 -5.12
N LEU A 211 -3.42 -7.01 -4.91
CA LEU A 211 -2.85 -6.77 -3.59
C LEU A 211 -3.43 -5.52 -2.95
N ASP A 212 -3.34 -4.39 -3.67
CA ASP A 212 -3.83 -3.10 -3.15
C ASP A 212 -5.30 -3.13 -2.79
N VAL A 213 -6.14 -3.71 -3.64
CA VAL A 213 -7.58 -3.72 -3.36
C VAL A 213 -7.88 -4.61 -2.15
N SER A 214 -7.12 -5.69 -1.99
CA SER A 214 -7.32 -6.59 -0.86
C SER A 214 -6.83 -5.98 0.47
N ALA A 215 -5.67 -5.35 0.44
CA ALA A 215 -5.09 -4.74 1.65
C ALA A 215 -5.86 -3.49 2.13
N LYS A 216 -6.70 -2.90 1.26
CA LYS A 216 -7.41 -1.63 1.58
C LYS A 216 -8.93 -1.82 1.65
N VAL A 217 -9.55 -2.11 0.51
CA VAL A 217 -11.01 -2.33 0.52
C VAL A 217 -11.35 -3.64 1.26
N GLY A 218 -10.60 -4.71 1.00
CA GLY A 218 -10.83 -6.01 1.68
C GLY A 218 -10.61 -5.90 3.19
N PHE A 219 -9.44 -5.42 3.55
CA PHE A 219 -9.10 -5.10 4.93
C PHE A 219 -10.17 -4.20 5.59
N GLY A 220 -10.63 -3.19 4.87
CA GLY A 220 -11.66 -2.30 5.40
C GLY A 220 -13.04 -2.91 5.57
N LEU A 221 -13.43 -3.79 4.67
CA LEU A 221 -14.70 -4.52 4.83
C LEU A 221 -14.65 -5.30 6.12
N ILE A 222 -13.60 -6.12 6.26
CA ILE A 222 -13.38 -6.92 7.45
C ILE A 222 -13.54 -6.00 8.67
N LEU A 223 -12.77 -4.91 8.71
CA LEU A 223 -12.72 -4.03 9.89
C LEU A 223 -14.00 -3.26 10.20
N LEU A 224 -14.67 -2.75 9.16
CA LEU A 224 -15.80 -1.82 9.37
C LEU A 224 -17.13 -2.50 9.62
N ARG A 225 -17.29 -3.71 9.10
CA ARG A 225 -18.45 -4.54 9.41
C ARG A 225 -18.29 -5.25 10.77
N SER A 226 -17.11 -5.17 11.38
CA SER A 226 -16.84 -5.82 12.68
C SER A 226 -17.09 -4.93 13.89
N ARG A 227 -17.38 -5.60 15.01
CA ARG A 227 -17.90 -4.95 16.21
C ARG A 227 -16.84 -4.38 17.17
N ALA A 228 -15.56 -4.68 16.93
CA ALA A 228 -14.48 -4.17 17.78
C ALA A 228 -14.49 -2.64 17.97
#